data_4PW2
#
_entry.id   4PW2
#
_cell.length_a   66.379
_cell.length_b   66.379
_cell.length_c   337.571
_cell.angle_alpha   90.00
_cell.angle_beta   90.00
_cell.angle_gamma   90.00
#
_symmetry.space_group_name_H-M   'P 41 21 2'
#
loop_
_entity.id
_entity.type
_entity.pdbx_description
1 polymer 'D-glucuronyl C5 epimerase B'
2 non-polymer 'CITRIC ACID'
3 water water
#
_entity_poly.entity_id   1
_entity_poly.type   'polypeptide(L)'
_entity_poly.pdbx_seq_one_letter_code
;MRCLAAGVHYKTLIVICALLSLLTVLLWNKCTSEKALRFLPQHPQPPPSPKIDSHPQQPQPPEPPPVVGGVRYEEIDCLI
NDDATIKGRREGSEVYMPFSWMEKYFEVYGKVVQYDGYDRFEFSHSYSKVYAQREQYHPNGVFMSFEGYNVEVRDRVKCI
SGVEGVPLSTQWGPQGYFYAIQIAQYGLSHYSKNLTERPPHVEVYDTAEERDSRSSAWTVPKGCSLTRVYDKTRATSVRE
FSAPENSEGVSLPLGNTKDFIISFDLKFTSNGSVSVILETTEKGPPFVIHYVTTTQLILLKDRDITYGIGPRTTWTTVTR
DLLTDLRKGIGLSNTKAVKATKTMPRRVVKLVVHGTGTIDNITISTTSHMAAFYAASDWLVRNQDERGGWPIMVTRKLGE
GFRALEPGWYSAMAQGQAMSTLVRAYLMTKDDRYLKAALRATGPFKLPSEQHGVKAVFMNKYDWYEEYPTIPSSFVLNGF
IYSLIGLFDLAQTAGEKLGRDAGQLYSKGMESLKVMLPLYDTGSGTIYDLRHFILGTAPNLARWDYHTTHINQLQLLGTI
DNSPIFRDSVKRWKSYLKGGRAKHN
;
_entity_poly.pdbx_strand_id   A
#
# COMPACT_ATOMS: atom_id res chain seq x y z
N ARG A 72 -43.14 -31.91 10.61
CA ARG A 72 -42.33 -33.16 10.68
C ARG A 72 -40.94 -33.01 10.06
N TYR A 73 -40.24 -31.91 10.36
CA TYR A 73 -38.83 -31.90 10.09
C TYR A 73 -38.32 -33.04 10.97
N GLU A 74 -37.54 -33.93 10.39
CA GLU A 74 -36.85 -34.94 11.19
C GLU A 74 -35.36 -34.86 10.98
N GLU A 75 -34.60 -35.28 11.98
CA GLU A 75 -33.16 -35.39 11.83
C GLU A 75 -32.86 -36.56 10.88
N ILE A 76 -31.85 -36.39 10.04
CA ILE A 76 -31.37 -37.48 9.20
C ILE A 76 -29.85 -37.49 9.16
N ASP A 77 -29.26 -38.68 9.20
CA ASP A 77 -27.82 -38.82 9.06
C ASP A 77 -27.42 -38.58 7.62
N CYS A 78 -26.34 -37.83 7.46
CA CYS A 78 -25.78 -37.58 6.14
C CYS A 78 -24.37 -38.14 6.04
N LEU A 79 -24.22 -39.18 5.23
CA LEU A 79 -22.91 -39.77 4.95
C LEU A 79 -22.24 -38.94 3.88
N ILE A 80 -21.04 -38.45 4.18
CA ILE A 80 -20.30 -37.59 3.27
C ILE A 80 -19.17 -38.38 2.60
N ASN A 81 -19.27 -38.61 1.30
CA ASN A 81 -18.25 -39.36 0.56
C ASN A 81 -17.85 -40.69 1.21
N ASP A 82 -18.83 -41.37 1.81
CA ASP A 82 -18.62 -42.67 2.44
C ASP A 82 -17.60 -42.64 3.56
N ASP A 83 -17.38 -41.45 4.14
CA ASP A 83 -16.39 -41.23 5.22
C ASP A 83 -17.02 -40.85 6.56
N ALA A 84 -17.31 -39.56 6.72
CA ALA A 84 -17.81 -39.03 7.96
C ALA A 84 -19.31 -38.89 7.83
N THR A 85 -19.97 -38.76 8.98
CA THR A 85 -21.40 -38.58 9.04
C THR A 85 -21.73 -37.28 9.77
N ILE A 86 -22.64 -36.51 9.20
CA ILE A 86 -23.09 -35.28 9.84
C ILE A 86 -24.60 -35.34 10.00
N LYS A 87 -25.15 -34.42 10.81
CA LYS A 87 -26.56 -34.41 11.08
C LYS A 87 -27.26 -33.40 10.19
N GLY A 88 -28.14 -33.91 9.33
CA GLY A 88 -28.95 -33.07 8.46
C GLY A 88 -30.39 -33.08 8.92
N ARG A 89 -31.24 -32.39 8.17
CA ARG A 89 -32.66 -32.37 8.49
C ARG A 89 -33.41 -32.84 7.26
N ARG A 90 -34.58 -33.44 7.45
CA ARG A 90 -35.38 -33.90 6.33
C ARG A 90 -36.83 -33.48 6.51
N GLU A 91 -37.41 -32.93 5.45
CA GLU A 91 -38.83 -32.61 5.38
C GLU A 91 -39.38 -33.23 4.10
N GLY A 92 -39.99 -34.41 4.22
CA GLY A 92 -40.55 -35.09 3.06
C GLY A 92 -39.42 -35.50 2.15
N SER A 93 -39.44 -34.99 0.93
CA SER A 93 -38.40 -35.32 -0.02
C SER A 93 -37.22 -34.36 -0.01
N GLU A 94 -37.29 -33.29 0.77
CA GLU A 94 -36.19 -32.33 0.83
C GLU A 94 -35.22 -32.62 1.98
N VAL A 95 -33.93 -32.67 1.67
CA VAL A 95 -32.91 -32.82 2.71
C VAL A 95 -32.14 -31.50 2.85
N TYR A 96 -31.95 -31.05 4.09
CA TYR A 96 -31.30 -29.77 4.40
C TYR A 96 -29.97 -30.06 5.08
N MET A 97 -28.89 -29.43 4.62
CA MET A 97 -27.56 -29.72 5.16
C MET A 97 -27.03 -28.50 5.95
N PRO A 98 -26.30 -28.74 7.05
CA PRO A 98 -25.88 -27.62 7.91
C PRO A 98 -24.76 -26.78 7.30
N PHE A 99 -24.92 -25.45 7.33
CA PHE A 99 -23.87 -24.56 6.80
C PHE A 99 -22.52 -24.67 7.52
N SER A 100 -22.55 -25.04 8.80
CA SER A 100 -21.30 -25.19 9.55
C SER A 100 -20.41 -26.23 8.86
N TRP A 101 -21.04 -27.28 8.31
CA TRP A 101 -20.28 -28.25 7.54
C TRP A 101 -19.94 -27.69 6.15
N MET A 102 -20.91 -27.08 5.49
CA MET A 102 -20.75 -26.55 4.14
C MET A 102 -19.61 -25.55 4.02
N GLU A 103 -19.54 -24.65 5.00
CA GLU A 103 -18.56 -23.56 5.00
C GLU A 103 -17.16 -24.08 4.75
N LYS A 104 -16.77 -25.05 5.56
CA LYS A 104 -15.45 -25.65 5.48
C LYS A 104 -15.32 -26.62 4.29
N TYR A 105 -16.38 -27.36 4.01
CA TYR A 105 -16.30 -28.42 2.98
C TYR A 105 -16.16 -27.81 1.60
N PHE A 106 -16.99 -26.82 1.30
CA PHE A 106 -16.91 -26.12 0.02
C PHE A 106 -16.04 -24.86 0.05
N GLU A 107 -15.58 -24.45 1.23
CA GLU A 107 -14.82 -23.20 1.39
C GLU A 107 -15.61 -22.02 0.83
N VAL A 108 -16.81 -21.84 1.38
CA VAL A 108 -17.68 -20.74 0.98
C VAL A 108 -17.98 -19.88 2.21
N TYR A 109 -18.84 -18.87 2.06
CA TYR A 109 -18.96 -17.81 3.06
C TYR A 109 -20.42 -17.49 3.33
N GLY A 110 -20.72 -17.14 4.58
CA GLY A 110 -22.11 -16.90 4.98
C GLY A 110 -22.19 -15.99 6.19
N LYS A 111 -23.22 -15.13 6.21
CA LYS A 111 -23.44 -14.24 7.34
C LYS A 111 -24.93 -14.14 7.62
N VAL A 112 -25.31 -14.14 8.89
CA VAL A 112 -26.67 -13.81 9.28
C VAL A 112 -26.72 -12.29 9.44
N VAL A 113 -27.59 -11.64 8.67
CA VAL A 113 -27.64 -10.18 8.57
C VAL A 113 -29.00 -9.74 9.11
N GLN A 114 -29.00 -8.73 9.97
CA GLN A 114 -30.23 -8.26 10.61
C GLN A 114 -31.00 -7.24 9.80
N TYR A 115 -32.32 -7.40 9.79
CA TYR A 115 -33.26 -6.44 9.18
C TYR A 115 -34.33 -6.11 10.22
N ASP A 116 -35.23 -5.19 9.87
CA ASP A 116 -36.27 -4.78 10.79
C ASP A 116 -37.24 -5.95 11.08
N GLY A 117 -37.07 -6.62 12.21
CA GLY A 117 -37.96 -7.70 12.62
C GLY A 117 -37.65 -9.10 12.09
N TYR A 118 -36.63 -9.22 11.25
CA TYR A 118 -36.20 -10.53 10.73
C TYR A 118 -34.70 -10.55 10.40
N ASP A 119 -34.12 -11.74 10.32
CA ASP A 119 -32.78 -11.89 9.78
C ASP A 119 -32.81 -12.61 8.42
N ARG A 120 -31.84 -12.31 7.56
CA ARG A 120 -31.53 -13.06 6.33
C ARG A 120 -30.17 -13.73 6.45
N PHE A 121 -30.01 -14.92 5.88
CA PHE A 121 -28.69 -15.51 5.74
C PHE A 121 -28.15 -15.16 4.35
N GLU A 122 -26.97 -14.55 4.31
CA GLU A 122 -26.41 -14.12 3.04
C GLU A 122 -25.18 -14.95 2.69
N PHE A 123 -25.33 -15.71 1.62
CA PHE A 123 -24.35 -16.68 1.17
C PHE A 123 -23.48 -16.08 0.07
N SER A 124 -22.19 -16.40 0.10
CA SER A 124 -21.31 -15.97 -0.95
C SER A 124 -20.29 -17.04 -1.33
N HIS A 125 -20.12 -17.25 -2.63
CA HIS A 125 -19.12 -18.20 -3.13
C HIS A 125 -17.69 -17.75 -2.89
N SER A 126 -17.49 -16.43 -2.83
CA SER A 126 -16.16 -15.83 -2.80
C SER A 126 -16.15 -14.60 -1.89
N TYR A 127 -14.97 -13.99 -1.76
CA TYR A 127 -14.86 -12.69 -1.11
C TYR A 127 -14.07 -11.73 -1.97
N SER A 128 -14.08 -10.46 -1.60
CA SER A 128 -13.51 -9.34 -2.37
C SER A 128 -14.28 -9.08 -3.65
N LYS A 129 -14.08 -7.90 -4.23
CA LYS A 129 -14.95 -7.46 -5.30
C LYS A 129 -14.14 -6.90 -6.43
N VAL A 130 -14.73 -6.90 -7.62
CA VAL A 130 -14.08 -6.38 -8.81
C VAL A 130 -14.34 -4.88 -8.91
N TYR A 131 -13.28 -4.12 -9.18
CA TYR A 131 -13.38 -2.66 -9.33
C TYR A 131 -14.26 -2.24 -10.50
N ALA A 132 -15.13 -1.26 -10.26
CA ALA A 132 -15.98 -0.71 -11.31
C ALA A 132 -15.30 0.46 -12.04
N GLN A 133 -14.68 0.15 -13.17
CA GLN A 133 -14.03 1.17 -14.02
C GLN A 133 -15.03 2.18 -14.53
N ARG A 134 -14.64 3.45 -14.57
CA ARG A 134 -15.55 4.52 -15.00
C ARG A 134 -15.17 5.10 -16.36
N GLU A 135 -13.97 4.78 -16.83
CA GLU A 135 -13.47 5.35 -18.07
C GLU A 135 -12.28 4.53 -18.54
N GLN A 136 -11.77 4.85 -19.73
CA GLN A 136 -10.53 4.24 -20.21
C GLN A 136 -9.34 4.57 -19.31
N TYR A 137 -8.45 3.59 -19.13
CA TYR A 137 -7.24 3.81 -18.34
C TYR A 137 -6.26 4.80 -18.97
N HIS A 138 -5.77 5.75 -18.17
CA HIS A 138 -4.73 6.66 -18.66
C HIS A 138 -3.67 6.93 -17.58
N PRO A 139 -2.41 7.13 -17.99
CA PRO A 139 -1.29 7.24 -17.05
C PRO A 139 -1.42 8.35 -15.99
N ASN A 140 -2.15 9.43 -16.26
CA ASN A 140 -2.28 10.50 -15.25
C ASN A 140 -3.49 10.32 -14.34
N GLY A 141 -4.27 9.28 -14.59
CA GLY A 141 -5.50 9.05 -13.81
C GLY A 141 -5.28 8.12 -12.64
N VAL A 142 -6.38 7.66 -12.03
CA VAL A 142 -6.31 6.68 -10.94
C VAL A 142 -5.53 5.45 -11.36
N PHE A 143 -4.84 4.83 -10.41
CA PHE A 143 -4.12 3.62 -10.74
C PHE A 143 -4.94 2.36 -10.51
N MET A 144 -5.55 1.85 -11.58
CA MET A 144 -6.43 0.67 -11.51
C MET A 144 -7.47 0.87 -10.41
N SER A 145 -7.51 -0.05 -9.45
CA SER A 145 -8.48 -0.02 -8.35
C SER A 145 -7.94 0.63 -7.06
N PHE A 146 -6.78 1.28 -7.12
CA PHE A 146 -6.08 1.71 -5.90
C PHE A 146 -6.79 2.80 -5.09
N GLU A 147 -7.87 3.36 -5.61
CA GLU A 147 -8.61 4.36 -4.86
C GLU A 147 -9.24 3.75 -3.61
N GLY A 148 -9.36 2.41 -3.59
CA GLY A 148 -9.97 1.68 -2.48
C GLY A 148 -8.97 0.82 -1.73
N TYR A 149 -7.68 1.06 -1.97
CA TYR A 149 -6.60 0.29 -1.42
C TYR A 149 -5.91 1.07 -0.30
N ASN A 150 -5.96 0.54 0.91
CA ASN A 150 -5.23 1.12 2.06
C ASN A 150 -3.96 0.32 2.29
N VAL A 151 -2.84 0.91 1.90
CA VAL A 151 -1.55 0.25 2.01
C VAL A 151 -0.99 0.24 3.44
N GLU A 152 -1.03 1.39 4.09
CA GLU A 152 -0.33 1.57 5.36
C GLU A 152 -0.99 0.80 6.49
N VAL A 153 -2.30 0.58 6.41
CA VAL A 153 -3.04 -0.15 7.46
C VAL A 153 -2.61 -1.62 7.63
N ARG A 154 -1.99 -2.21 6.62
CA ARG A 154 -1.63 -3.62 6.66
C ARG A 154 -0.52 -3.91 7.66
N ASP A 155 -0.50 -5.12 8.23
CA ASP A 155 0.43 -5.43 9.32
C ASP A 155 1.86 -5.72 8.88
N ARG A 156 2.08 -5.79 7.57
CA ARG A 156 3.42 -5.93 6.99
C ARG A 156 4.18 -4.60 6.93
N VAL A 157 3.46 -3.50 7.10
CA VAL A 157 4.06 -2.17 7.23
C VAL A 157 4.28 -1.87 8.71
N LYS A 158 5.54 -1.92 9.13
CA LYS A 158 5.91 -1.67 10.52
C LYS A 158 5.52 -0.26 10.96
N CYS A 159 5.82 0.72 10.12
CA CYS A 159 5.48 2.12 10.39
C CYS A 159 5.78 2.98 9.18
N ILE A 160 5.40 4.24 9.28
CA ILE A 160 5.80 5.23 8.29
C ILE A 160 7.00 5.94 8.89
N SER A 161 8.14 5.79 8.22
CA SER A 161 9.41 6.37 8.64
C SER A 161 9.26 7.89 8.85
N GLY A 162 9.82 8.37 9.96
CA GLY A 162 9.79 9.81 10.26
C GLY A 162 10.77 10.58 9.41
N VAL A 163 11.89 9.95 9.08
CA VAL A 163 12.88 10.54 8.19
C VAL A 163 12.43 10.54 6.73
N GLU A 164 11.99 9.38 6.23
CA GLU A 164 11.64 9.19 4.80
C GLU A 164 10.18 9.49 4.48
N GLY A 165 9.31 9.37 5.46
CA GLY A 165 7.88 9.62 5.25
C GLY A 165 7.20 8.56 4.39
N VAL A 166 7.84 7.40 4.26
CA VAL A 166 7.25 6.28 3.49
C VAL A 166 7.21 5.01 4.35
N PRO A 167 6.38 4.00 3.98
CA PRO A 167 6.29 2.75 4.76
C PRO A 167 7.61 1.99 4.85
N LEU A 168 7.84 1.34 5.98
CA LEU A 168 8.95 0.42 6.15
C LEU A 168 8.37 -0.98 6.35
N SER A 169 8.91 -1.96 5.62
CA SER A 169 8.34 -3.33 5.61
C SER A 169 9.04 -4.31 6.56
N THR A 170 8.28 -5.26 7.09
CA THR A 170 8.85 -6.39 7.83
C THR A 170 8.44 -7.77 7.28
N GLN A 171 7.73 -7.77 6.15
CA GLN A 171 7.14 -8.96 5.55
C GLN A 171 8.03 -10.22 5.44
N TRP A 172 9.29 -10.08 5.07
CA TRP A 172 10.17 -11.24 5.04
C TRP A 172 11.37 -11.14 5.98
N GLY A 173 11.45 -10.07 6.74
CA GLY A 173 12.49 -9.96 7.77
C GLY A 173 11.87 -9.14 8.87
N PRO A 174 11.99 -9.59 10.13
CA PRO A 174 11.48 -8.72 11.19
C PRO A 174 12.41 -7.53 11.38
N GLN A 175 13.56 -7.61 10.72
CA GLN A 175 14.58 -6.57 10.73
C GLN A 175 14.07 -5.18 10.35
N GLY A 176 13.14 -5.12 9.39
CA GLY A 176 12.65 -3.85 8.86
C GLY A 176 13.50 -3.39 7.69
N TYR A 177 12.87 -3.16 6.55
CA TYR A 177 13.59 -2.70 5.36
C TYR A 177 12.66 -1.88 4.48
N PHE A 178 13.22 -0.94 3.72
CA PHE A 178 12.42 -0.21 2.75
C PHE A 178 12.21 -1.05 1.49
N TYR A 179 10.96 -1.25 1.14
CA TYR A 179 10.56 -2.11 0.02
C TYR A 179 9.84 -1.27 -1.05
N ALA A 180 10.43 -1.17 -2.24
CA ALA A 180 9.93 -0.29 -3.28
C ALA A 180 8.48 -0.55 -3.68
N ILE A 181 8.05 -1.81 -3.67
CA ILE A 181 6.65 -2.13 -4.01
C ILE A 181 5.66 -1.45 -3.06
N GLN A 182 5.89 -1.60 -1.76
CA GLN A 182 5.07 -0.95 -0.73
C GLN A 182 5.07 0.57 -0.88
N ILE A 183 6.28 1.13 -1.04
CA ILE A 183 6.46 2.58 -1.16
C ILE A 183 5.73 3.11 -2.39
N ALA A 184 5.94 2.46 -3.53
CA ALA A 184 5.19 2.79 -4.74
C ALA A 184 3.68 2.68 -4.57
N GLN A 185 3.21 1.59 -3.95
CA GLN A 185 1.77 1.41 -3.81
C GLN A 185 1.17 2.43 -2.86
N TYR A 186 1.93 2.77 -1.82
CA TYR A 186 1.58 3.89 -0.92
C TYR A 186 1.35 5.17 -1.74
N GLY A 187 2.31 5.50 -2.60
CA GLY A 187 2.16 6.63 -3.53
C GLY A 187 0.96 6.57 -4.46
N LEU A 188 0.83 5.44 -5.18
CA LEU A 188 -0.26 5.27 -6.14
C LEU A 188 -1.64 5.29 -5.52
N SER A 189 -1.79 4.68 -4.35
CA SER A 189 -3.11 4.68 -3.70
C SER A 189 -3.48 6.09 -3.24
N HIS A 190 -2.55 6.79 -2.61
CA HIS A 190 -2.84 8.18 -2.21
C HIS A 190 -3.08 9.08 -3.42
N TYR A 191 -2.28 8.87 -4.47
CA TYR A 191 -2.52 9.58 -5.74
C TYR A 191 -3.95 9.36 -6.23
N SER A 192 -4.39 8.10 -6.21
CA SER A 192 -5.72 7.77 -6.71
C SER A 192 -6.81 8.35 -5.83
N LYS A 193 -6.64 8.21 -4.51
CA LYS A 193 -7.63 8.76 -3.58
C LYS A 193 -7.78 10.29 -3.71
N ASN A 194 -6.68 10.97 -4.02
CA ASN A 194 -6.75 12.42 -4.26
C ASN A 194 -7.73 12.77 -5.40
N LEU A 195 -7.82 11.87 -6.38
CA LEU A 195 -8.68 12.09 -7.52
C LEU A 195 -10.14 11.78 -7.24
N THR A 196 -10.42 10.91 -6.27
CA THR A 196 -11.77 10.41 -6.08
C THR A 196 -12.51 10.92 -4.83
N GLU A 197 -11.78 11.31 -3.79
CA GLU A 197 -12.40 11.79 -2.56
C GLU A 197 -12.87 13.25 -2.57
N ARG A 198 -13.85 13.55 -1.72
CA ARG A 198 -14.22 14.92 -1.41
C ARG A 198 -13.00 15.61 -0.79
N PRO A 199 -12.90 16.95 -0.91
CA PRO A 199 -11.72 17.58 -0.32
C PRO A 199 -11.71 17.43 1.21
N PRO A 200 -10.51 17.33 1.81
CA PRO A 200 -10.44 17.22 3.26
C PRO A 200 -10.88 18.51 3.93
N HIS A 201 -11.43 18.41 5.14
CA HIS A 201 -11.54 19.59 6.00
C HIS A 201 -10.13 19.96 6.45
N VAL A 202 -9.86 21.27 6.55
CA VAL A 202 -8.52 21.72 6.92
C VAL A 202 -8.65 22.82 7.96
N GLU A 203 -7.94 22.69 9.07
CA GLU A 203 -7.97 23.69 10.13
C GLU A 203 -6.56 24.25 10.35
N VAL A 204 -6.43 25.57 10.32
CA VAL A 204 -5.13 26.18 10.53
C VAL A 204 -5.10 26.83 11.91
N TYR A 205 -4.00 26.64 12.62
CA TYR A 205 -3.88 27.11 14.01
C TYR A 205 -2.86 28.24 14.16
N ASP A 206 -3.07 29.08 15.17
CA ASP A 206 -2.15 30.16 15.52
C ASP A 206 -2.05 31.17 14.38
N THR A 207 -3.22 31.62 13.91
CA THR A 207 -3.30 32.59 12.84
C THR A 207 -4.30 33.71 13.16
N ALA A 208 -3.94 34.54 14.14
CA ALA A 208 -4.75 35.69 14.52
C ALA A 208 -3.83 36.86 14.88
N GLU A 209 -4.38 38.06 15.02
CA GLU A 209 -3.60 39.25 15.35
C GLU A 209 -2.75 39.11 16.64
N GLU A 210 -1.62 39.82 16.70
CA GLU A 210 -0.67 39.75 17.83
C GLU A 210 -1.35 39.79 19.21
N ARG A 211 -0.98 38.84 20.06
CA ARG A 211 0.22 38.03 19.82
C ARG A 211 0.01 36.54 19.56
N SER A 216 -1.47 35.83 22.46
CA SER A 216 -0.75 34.62 22.06
C SER A 216 -1.47 33.39 22.58
N ALA A 217 -1.64 32.42 21.70
CA ALA A 217 -2.35 31.21 22.04
C ALA A 217 -1.42 30.21 22.70
N TRP A 218 -0.12 30.48 22.63
CA TRP A 218 0.85 29.53 23.17
C TRP A 218 0.96 29.59 24.69
N THR A 219 1.14 28.44 25.32
CA THR A 219 1.51 28.40 26.72
C THR A 219 3.02 28.37 26.85
N VAL A 220 3.56 29.32 27.60
CA VAL A 220 5.01 29.45 27.73
C VAL A 220 5.48 29.36 29.18
N PRO A 221 5.94 28.18 29.60
CA PRO A 221 6.42 27.99 30.96
C PRO A 221 7.62 28.83 31.33
N LYS A 222 7.93 28.84 32.62
CA LYS A 222 9.03 29.66 33.09
C LYS A 222 10.26 29.16 32.41
N GLY A 223 11.08 30.09 31.96
CA GLY A 223 12.32 29.74 31.32
C GLY A 223 12.25 29.42 29.84
N CYS A 224 11.05 29.46 29.25
CA CYS A 224 10.91 29.21 27.81
C CYS A 224 10.55 30.50 27.11
N SER A 225 10.54 30.48 25.78
CA SER A 225 10.09 31.63 25.01
C SER A 225 9.39 31.23 23.72
N LEU A 226 8.39 32.02 23.33
CA LEU A 226 7.73 31.87 22.05
C LEU A 226 7.42 33.25 21.49
N THR A 227 8.09 33.59 20.39
CA THR A 227 8.05 34.95 19.85
C THR A 227 7.69 34.93 18.36
N ARG A 228 6.83 35.85 17.92
CA ARG A 228 6.61 36.06 16.49
C ARG A 228 7.82 36.77 15.91
N VAL A 229 8.45 36.18 14.91
CA VAL A 229 9.70 36.72 14.35
C VAL A 229 9.64 36.71 12.82
N TYR A 230 10.54 37.44 12.18
CA TYR A 230 10.55 37.52 10.72
C TYR A 230 11.79 36.86 10.14
N ASP A 231 11.54 35.81 9.35
CA ASP A 231 12.57 35.11 8.59
C ASP A 231 12.52 35.71 7.18
N LYS A 232 13.62 36.31 6.76
CA LYS A 232 13.66 37.07 5.51
C LYS A 232 13.44 36.20 4.26
N THR A 233 13.71 34.91 4.38
CA THR A 233 13.48 33.97 3.29
C THR A 233 12.00 33.57 3.18
N ARG A 234 11.16 34.07 4.08
CA ARG A 234 9.75 33.70 4.04
C ARG A 234 8.82 34.91 4.00
N ALA A 235 7.64 34.71 3.44
CA ALA A 235 6.68 35.78 3.19
C ALA A 235 6.04 36.32 4.47
N THR A 236 5.66 35.42 5.38
CA THR A 236 4.96 35.85 6.59
C THR A 236 5.75 35.44 7.83
N SER A 237 5.40 36.03 8.97
CA SER A 237 6.13 35.78 10.20
C SER A 237 6.06 34.30 10.58
N VAL A 238 7.02 33.84 11.38
CA VAL A 238 6.99 32.49 11.92
C VAL A 238 7.11 32.57 13.44
N ARG A 239 7.01 31.42 14.11
CA ARG A 239 7.14 31.37 15.55
C ARG A 239 8.49 30.83 15.96
N GLU A 240 9.26 31.65 16.68
CA GLU A 240 10.55 31.23 17.20
C GLU A 240 10.37 30.67 18.62
N PHE A 241 10.82 29.44 18.84
CA PHE A 241 10.60 28.79 20.13
C PHE A 241 11.91 28.51 20.85
N SER A 242 11.88 28.49 22.18
CA SER A 242 13.01 28.08 23.00
C SER A 242 12.48 27.40 24.25
N ALA A 243 12.86 26.15 24.47
CA ALA A 243 12.44 25.41 25.66
C ALA A 243 13.44 24.31 25.95
N PRO A 244 14.01 24.30 27.17
CA PRO A 244 14.96 23.27 27.59
C PRO A 244 14.30 21.89 27.56
N GLU A 245 15.10 20.86 27.32
CA GLU A 245 14.60 19.50 27.17
C GLU A 245 13.89 19.01 28.43
N ASN A 246 14.34 19.50 29.58
CA ASN A 246 13.78 19.09 30.87
C ASN A 246 12.60 19.93 31.32
N SER A 247 12.33 21.03 30.60
CA SER A 247 11.16 21.85 30.85
C SER A 247 9.92 21.17 30.28
N GLU A 248 8.76 21.76 30.54
CA GLU A 248 7.51 21.23 30.00
C GLU A 248 7.33 21.52 28.50
N GLY A 249 8.14 22.44 27.96
CA GLY A 249 8.04 22.87 26.56
C GLY A 249 6.99 23.95 26.34
N VAL A 250 7.03 24.60 25.18
CA VAL A 250 5.98 25.56 24.80
C VAL A 250 4.88 24.79 24.09
N SER A 251 3.62 25.17 24.32
CA SER A 251 2.52 24.35 23.82
C SER A 251 1.44 25.19 23.19
N LEU A 252 0.80 24.63 22.15
CA LEU A 252 -0.29 25.28 21.44
C LEU A 252 -1.52 24.39 21.47
N PRO A 253 -2.64 24.89 22.01
CA PRO A 253 -3.90 24.15 22.02
C PRO A 253 -4.38 23.88 20.59
N LEU A 254 -4.88 22.67 20.34
CA LEU A 254 -5.43 22.36 19.02
C LEU A 254 -6.89 22.03 19.17
N GLY A 255 -7.17 20.90 19.79
CA GLY A 255 -8.55 20.50 20.07
C GLY A 255 -9.39 19.91 18.94
N ASN A 256 -8.74 19.26 17.96
CA ASN A 256 -9.46 18.67 16.81
C ASN A 256 -9.97 17.27 17.13
N THR A 257 -11.29 17.06 17.03
CA THR A 257 -11.87 15.75 17.34
C THR A 257 -12.29 14.96 16.10
N LYS A 258 -12.04 15.51 14.92
CA LYS A 258 -12.56 14.95 13.67
C LYS A 258 -11.46 14.51 12.70
N ASP A 259 -10.39 15.30 12.64
CA ASP A 259 -9.32 15.08 11.68
C ASP A 259 -8.01 14.83 12.36
N PHE A 260 -7.20 13.97 11.74
CA PHE A 260 -6.00 13.45 12.39
C PHE A 260 -4.73 13.49 11.55
N ILE A 261 -4.73 14.21 10.44
CA ILE A 261 -3.48 14.41 9.70
C ILE A 261 -2.87 15.76 10.09
N ILE A 262 -1.76 15.72 10.83
CA ILE A 262 -1.13 16.96 11.26
C ILE A 262 0.04 17.33 10.35
N SER A 263 0.16 18.62 10.03
CA SER A 263 1.37 19.10 9.38
C SER A 263 1.87 20.40 10.00
N PHE A 264 3.17 20.60 9.96
CA PHE A 264 3.78 21.87 10.39
C PHE A 264 5.05 22.10 9.58
N ASP A 265 5.37 23.37 9.29
CA ASP A 265 6.67 23.74 8.74
C ASP A 265 7.64 23.91 9.90
N LEU A 266 8.85 23.41 9.72
CA LEU A 266 9.76 23.30 10.85
C LEU A 266 11.20 23.55 10.47
N LYS A 267 11.92 24.27 11.34
CA LYS A 267 13.36 24.37 11.25
C LYS A 267 14.00 24.40 12.63
N PHE A 268 14.70 23.33 13.01
CA PHE A 268 15.35 23.26 14.33
C PHE A 268 16.72 23.91 14.30
N THR A 269 17.10 24.54 15.40
CA THR A 269 18.48 25.04 15.55
C THR A 269 19.20 24.31 16.67
N SER A 270 18.57 23.25 17.16
CA SER A 270 19.18 22.37 18.15
C SER A 270 18.48 21.02 18.08
N ASN A 271 18.96 20.07 18.87
CA ASN A 271 18.17 18.88 19.18
C ASN A 271 16.89 19.27 19.87
N GLY A 272 15.79 18.62 19.51
CA GLY A 272 14.52 18.84 20.18
C GLY A 272 13.42 17.89 19.74
N SER A 273 12.17 18.33 19.90
CA SER A 273 11.05 17.47 19.53
C SER A 273 9.79 18.28 19.39
N VAL A 274 8.90 17.79 18.53
CA VAL A 274 7.53 18.25 18.46
C VAL A 274 6.66 17.08 18.91
N SER A 275 5.93 17.29 20.00
CA SER A 275 5.09 16.24 20.55
C SER A 275 3.63 16.56 20.36
N VAL A 276 2.85 15.54 20.03
CA VAL A 276 1.41 15.71 19.84
C VAL A 276 0.68 14.88 20.90
N ILE A 277 -0.21 15.52 21.65
CA ILE A 277 -0.95 14.87 22.74
C ILE A 277 -2.29 14.42 22.18
N LEU A 278 -2.55 13.12 22.29
CA LEU A 278 -3.67 12.48 21.62
C LEU A 278 -4.57 11.72 22.60
N GLU A 279 -5.77 12.23 22.86
CA GLU A 279 -6.76 11.45 23.61
C GLU A 279 -7.26 10.32 22.71
N THR A 280 -7.44 9.12 23.28
CA THR A 280 -7.89 7.97 22.49
C THR A 280 -9.03 7.24 23.20
N THR A 281 -9.53 6.20 22.52
CA THR A 281 -10.58 5.33 23.08
C THR A 281 -10.07 4.49 24.25
N GLU A 282 -8.76 4.39 24.43
CA GLU A 282 -8.21 3.71 25.61
C GLU A 282 -8.34 4.61 26.84
N LYS A 283 -9.11 4.14 27.83
CA LYS A 283 -9.36 4.91 29.04
C LYS A 283 -8.06 5.25 29.73
N GLY A 284 -8.02 6.43 30.34
CA GLY A 284 -6.82 6.86 31.05
C GLY A 284 -6.15 8.02 30.36
N PRO A 285 -4.86 8.24 30.66
CA PRO A 285 -4.09 9.37 30.10
C PRO A 285 -4.04 9.34 28.57
N PRO A 286 -3.80 10.51 27.95
CA PRO A 286 -3.68 10.50 26.49
C PRO A 286 -2.39 9.80 26.07
N PHE A 287 -2.32 9.41 24.80
CA PHE A 287 -1.05 8.98 24.24
C PHE A 287 -0.31 10.23 23.81
N VAL A 288 1.01 10.17 23.80
CA VAL A 288 1.81 11.27 23.30
C VAL A 288 2.73 10.71 22.22
N ILE A 289 2.67 11.29 21.03
CA ILE A 289 3.60 10.92 19.98
C ILE A 289 4.72 11.96 19.87
N HIS A 290 5.96 11.53 20.02
CA HIS A 290 7.09 12.44 20.04
C HIS A 290 7.83 12.34 18.73
N TYR A 291 7.87 13.43 17.99
CA TYR A 291 8.67 13.47 16.77
C TYR A 291 10.00 14.14 17.10
N VAL A 292 11.06 13.35 17.12
CA VAL A 292 12.33 13.80 17.68
C VAL A 292 13.42 13.92 16.64
N THR A 293 14.42 14.76 16.92
CA THR A 293 15.51 15.01 15.99
C THR A 293 16.61 13.96 16.09
N THR A 294 16.22 12.69 15.96
CA THR A 294 17.18 11.60 15.83
C THR A 294 16.79 10.73 14.63
N THR A 295 17.58 9.71 14.34
CA THR A 295 17.25 8.81 13.24
C THR A 295 16.61 7.53 13.75
N GLN A 296 16.19 7.51 15.02
CA GLN A 296 15.48 6.36 15.58
C GLN A 296 14.21 6.09 14.79
N LEU A 297 13.89 4.82 14.55
CA LEU A 297 12.72 4.50 13.73
C LEU A 297 11.41 4.68 14.48
N ILE A 298 11.17 3.80 15.46
CA ILE A 298 9.93 3.81 16.23
C ILE A 298 10.18 3.18 17.60
N LEU A 299 9.57 3.76 18.63
CA LEU A 299 9.71 3.30 20.01
C LEU A 299 8.37 3.38 20.70
N LEU A 300 8.16 2.49 21.67
CA LEU A 300 6.97 2.52 22.50
C LEU A 300 7.38 2.30 23.96
N LYS A 301 6.87 3.15 24.85
CA LYS A 301 7.09 2.98 26.28
C LYS A 301 5.89 3.59 26.97
N ASP A 302 5.06 2.71 27.54
CA ASP A 302 3.81 3.11 28.19
C ASP A 302 2.92 3.84 27.17
N ARG A 303 2.54 5.08 27.45
CA ARG A 303 1.76 5.82 26.46
C ARG A 303 2.54 6.85 25.63
N ASP A 304 3.86 6.72 25.64
CA ASP A 304 4.74 7.51 24.78
C ASP A 304 5.25 6.73 23.57
N ILE A 305 4.92 7.24 22.38
CA ILE A 305 5.39 6.69 21.13
C ILE A 305 6.39 7.66 20.51
N THR A 306 7.55 7.17 20.06
CA THR A 306 8.58 8.05 19.53
C THR A 306 8.95 7.73 18.07
N TYR A 307 8.99 8.77 17.24
CA TYR A 307 9.48 8.63 15.86
C TYR A 307 10.63 9.63 15.63
N GLY A 308 11.78 9.15 15.18
CA GLY A 308 12.85 10.05 14.78
C GLY A 308 12.52 10.65 13.43
N ILE A 309 12.66 11.97 13.30
CA ILE A 309 12.38 12.65 12.03
C ILE A 309 13.62 13.32 11.46
N GLY A 310 14.76 13.01 12.06
CA GLY A 310 16.04 13.55 11.62
C GLY A 310 16.28 14.95 12.15
N PRO A 311 17.43 15.55 11.78
CA PRO A 311 17.85 16.88 12.29
C PRO A 311 16.86 18.01 12.02
N ARG A 312 16.22 17.99 10.84
CA ARG A 312 15.28 19.04 10.43
C ARG A 312 15.88 20.46 10.57
N THR A 313 17.15 20.60 10.20
CA THR A 313 17.87 21.88 10.37
C THR A 313 17.72 22.84 9.20
N THR A 314 17.00 22.43 8.14
CA THR A 314 16.56 23.37 7.09
C THR A 314 15.05 23.25 6.96
N TRP A 315 14.39 24.31 6.47
CA TRP A 315 12.92 24.34 6.42
C TRP A 315 12.31 23.13 5.67
N THR A 316 11.44 22.38 6.34
CA THR A 316 10.66 21.32 5.69
C THR A 316 9.23 21.39 6.17
N THR A 317 8.32 20.77 5.44
CA THR A 317 6.97 20.52 5.92
C THR A 317 6.85 19.07 6.38
N VAL A 318 6.54 18.90 7.65
CA VAL A 318 6.30 17.57 8.23
C VAL A 318 4.80 17.28 8.18
N THR A 319 4.43 16.12 7.64
CA THR A 319 3.02 15.72 7.54
C THR A 319 2.90 14.32 8.11
N ARG A 320 2.06 14.14 9.13
CA ARG A 320 1.95 12.85 9.80
C ARG A 320 0.51 12.45 9.93
N ASP A 321 0.23 11.18 9.66
CA ASP A 321 -1.09 10.63 9.88
C ASP A 321 -1.11 10.11 11.31
N LEU A 322 -1.78 10.83 12.21
CA LEU A 322 -1.76 10.46 13.62
C LEU A 322 -2.45 9.11 13.91
N LEU A 323 -3.49 8.78 13.14
CA LEU A 323 -4.17 7.48 13.24
C LEU A 323 -3.17 6.35 13.04
N THR A 324 -2.47 6.38 11.91
CA THR A 324 -1.43 5.40 11.61
C THR A 324 -0.31 5.44 12.64
N ASP A 325 0.23 6.62 12.92
CA ASP A 325 1.37 6.72 13.83
C ASP A 325 1.04 6.15 15.21
N LEU A 326 -0.17 6.42 15.68
CA LEU A 326 -0.67 5.91 16.95
C LEU A 326 -0.75 4.38 16.96
N ARG A 327 -1.50 3.82 16.02
CA ARG A 327 -1.68 2.37 16.00
C ARG A 327 -0.41 1.59 15.76
N LYS A 328 0.47 2.06 14.86
CA LYS A 328 1.73 1.36 14.62
C LYS A 328 2.61 1.35 15.88
N GLY A 329 2.47 2.39 16.69
CA GLY A 329 3.19 2.48 17.95
C GLY A 329 2.59 1.51 18.96
N ILE A 330 1.26 1.56 19.09
CA ILE A 330 0.52 0.68 20.00
C ILE A 330 0.81 -0.80 19.68
N GLY A 331 0.77 -1.13 18.39
CA GLY A 331 0.98 -2.52 17.97
C GLY A 331 2.43 -2.90 17.72
N LEU A 332 3.35 -2.09 18.24
CA LEU A 332 4.77 -2.34 18.03
C LEU A 332 5.14 -3.77 18.45
N SER A 333 5.88 -4.47 17.61
CA SER A 333 6.14 -5.88 17.81
C SER A 333 7.50 -6.29 17.29
N ASN A 334 8.13 -7.24 17.97
CA ASN A 334 9.39 -7.83 17.51
C ASN A 334 9.20 -8.79 16.34
N THR A 335 7.95 -9.06 15.96
CA THR A 335 7.67 -10.01 14.87
C THR A 335 7.46 -9.33 13.51
N LYS A 336 7.18 -10.17 12.52
CA LYS A 336 6.99 -9.74 11.13
C LYS A 336 5.67 -8.98 10.96
N ALA A 337 4.83 -9.01 11.98
CA ALA A 337 3.50 -8.43 11.89
C ALA A 337 3.21 -7.46 13.04
N VAL A 338 2.67 -6.30 12.69
CA VAL A 338 2.19 -5.35 13.69
C VAL A 338 0.92 -5.89 14.35
N LYS A 339 0.89 -5.84 15.69
CA LYS A 339 -0.29 -6.26 16.43
C LYS A 339 -1.49 -5.36 16.13
N ALA A 340 -2.64 -5.98 15.92
CA ALA A 340 -3.87 -5.22 15.69
C ALA A 340 -4.31 -4.51 16.96
N THR A 341 -5.01 -3.40 16.82
CA THR A 341 -5.61 -2.72 17.96
C THR A 341 -6.92 -2.13 17.51
N LYS A 342 -7.88 -2.06 18.43
CA LYS A 342 -9.12 -1.34 18.15
C LYS A 342 -9.02 0.10 18.63
N THR A 343 -7.88 0.47 19.19
CA THR A 343 -7.73 1.83 19.71
C THR A 343 -7.82 2.84 18.57
N MET A 344 -8.63 3.88 18.78
CA MET A 344 -8.76 4.99 17.84
C MET A 344 -8.48 6.34 18.51
N PRO A 345 -7.98 7.33 17.75
CA PRO A 345 -7.82 8.68 18.30
C PRO A 345 -9.18 9.33 18.47
N ARG A 346 -9.32 10.19 19.48
CA ARG A 346 -10.59 10.90 19.74
C ARG A 346 -10.41 12.41 19.70
N ARG A 347 -9.25 12.88 20.13
CA ARG A 347 -8.96 14.32 20.09
C ARG A 347 -7.47 14.61 19.97
N VAL A 348 -7.10 15.47 19.01
CA VAL A 348 -5.75 15.99 18.96
C VAL A 348 -5.73 17.19 19.93
N VAL A 349 -5.15 16.99 21.11
CA VAL A 349 -5.33 17.95 22.21
C VAL A 349 -4.49 19.21 22.01
N LYS A 350 -3.20 19.03 21.79
CA LYS A 350 -2.27 20.14 21.72
C LYS A 350 -0.93 19.66 21.17
N LEU A 351 -0.13 20.62 20.74
CA LEU A 351 1.20 20.35 20.25
C LEU A 351 2.19 20.95 21.25
N VAL A 352 3.32 20.26 21.48
CA VAL A 352 4.34 20.68 22.46
C VAL A 352 5.74 20.64 21.85
N VAL A 353 6.50 21.73 22.00
CA VAL A 353 7.81 21.84 21.39
C VAL A 353 8.92 22.01 22.43
N HIS A 354 9.97 21.20 22.29
CA HIS A 354 11.21 21.36 23.06
C HIS A 354 12.37 21.65 22.12
N GLY A 355 13.33 22.42 22.61
CA GLY A 355 14.50 22.78 21.82
C GLY A 355 14.44 24.23 21.35
N THR A 356 15.26 24.56 20.37
CA THR A 356 15.22 25.87 19.74
C THR A 356 15.00 25.75 18.24
N GLY A 357 14.31 26.73 17.67
CA GLY A 357 14.11 26.80 16.22
C GLY A 357 12.88 27.63 15.89
N THR A 358 12.31 27.37 14.72
CA THR A 358 11.10 28.05 14.29
C THR A 358 10.09 27.05 13.71
N ILE A 359 8.82 27.44 13.73
CA ILE A 359 7.71 26.61 13.28
C ILE A 359 6.62 27.54 12.78
N ASP A 360 5.75 27.03 11.89
CA ASP A 360 4.78 27.85 11.16
C ASP A 360 3.76 26.91 10.49
N ASN A 361 2.62 27.45 10.07
CA ASN A 361 1.63 26.72 9.27
C ASN A 361 1.24 25.40 9.92
N ILE A 362 0.84 25.48 11.18
CA ILE A 362 0.40 24.31 11.93
C ILE A 362 -1.04 24.01 11.52
N THR A 363 -1.25 22.86 10.90
CA THR A 363 -2.58 22.56 10.36
C THR A 363 -3.00 21.11 10.63
N ILE A 364 -4.31 20.89 10.69
CA ILE A 364 -4.83 19.53 10.81
C ILE A 364 -5.91 19.29 9.75
N SER A 365 -5.74 18.22 8.98
CA SER A 365 -6.60 17.95 7.82
C SER A 365 -7.18 16.54 7.89
N THR A 366 -8.33 16.33 7.24
CA THR A 366 -8.92 14.97 7.15
C THR A 366 -7.96 14.00 6.46
N THR A 367 -7.38 14.45 5.36
CA THR A 367 -6.42 13.65 4.59
C THR A 367 -5.32 14.57 4.06
N SER A 368 -4.17 14.00 3.70
CA SER A 368 -3.16 14.76 2.96
C SER A 368 -2.51 13.87 1.90
N HIS A 369 -3.29 13.52 0.86
CA HIS A 369 -2.86 12.49 -0.10
C HIS A 369 -1.64 12.84 -0.95
N MET A 370 -1.59 14.05 -1.50
CA MET A 370 -0.49 14.35 -2.43
C MET A 370 0.86 14.41 -1.76
N ALA A 371 0.92 14.86 -0.50
CA ALA A 371 2.15 14.82 0.27
C ALA A 371 2.74 13.40 0.36
N ALA A 372 1.88 12.42 0.62
CA ALA A 372 2.28 11.03 0.66
C ALA A 372 2.79 10.59 -0.71
N PHE A 373 2.06 10.96 -1.76
CA PHE A 373 2.45 10.67 -3.13
C PHE A 373 3.85 11.18 -3.45
N TYR A 374 4.12 12.44 -3.12
CA TYR A 374 5.46 13.00 -3.37
C TYR A 374 6.53 12.40 -2.51
N ALA A 375 6.18 12.00 -1.29
CA ALA A 375 7.17 11.32 -0.44
C ALA A 375 7.61 9.99 -1.06
N ALA A 376 6.64 9.25 -1.58
CA ALA A 376 6.93 7.99 -2.28
C ALA A 376 7.73 8.27 -3.55
N SER A 377 7.25 9.19 -4.37
CA SER A 377 7.93 9.54 -5.62
C SER A 377 9.37 9.97 -5.43
N ASP A 378 9.60 10.78 -4.40
CA ASP A 378 10.96 11.24 -4.08
C ASP A 378 11.83 10.17 -3.49
N TRP A 379 11.25 9.29 -2.68
CA TRP A 379 12.03 8.16 -2.18
C TRP A 379 12.54 7.34 -3.37
N LEU A 380 11.68 7.12 -4.35
CA LEU A 380 12.03 6.28 -5.50
C LEU A 380 13.22 6.84 -6.28
N VAL A 381 13.17 8.15 -6.54
CA VAL A 381 14.26 8.86 -7.22
C VAL A 381 15.57 8.67 -6.48
N ARG A 382 15.54 8.89 -5.16
CA ARG A 382 16.77 8.89 -4.37
C ARG A 382 17.41 7.52 -4.21
N ASN A 383 16.59 6.48 -4.26
CA ASN A 383 17.04 5.14 -3.90
C ASN A 383 17.21 4.18 -5.09
N GLN A 384 17.00 4.68 -6.30
CA GLN A 384 17.28 3.91 -7.50
C GLN A 384 18.78 3.74 -7.66
N ASP A 385 19.22 2.53 -7.99
CA ASP A 385 20.66 2.25 -8.11
C ASP A 385 21.20 2.57 -9.51
N GLU A 386 22.47 2.28 -9.74
CA GLU A 386 23.14 2.64 -10.99
C GLU A 386 22.59 1.84 -12.16
N ARG A 387 22.12 0.63 -11.87
CA ARG A 387 21.55 -0.26 -12.88
C ARG A 387 20.09 0.08 -13.21
N GLY A 388 19.57 1.13 -12.57
CA GLY A 388 18.17 1.54 -12.78
C GLY A 388 17.18 0.78 -11.92
N GLY A 389 17.67 -0.02 -11.00
CA GLY A 389 16.79 -0.87 -10.19
C GLY A 389 16.64 -0.45 -8.75
N TRP A 390 15.60 -0.98 -8.11
CA TRP A 390 15.49 -0.88 -6.66
C TRP A 390 15.74 -2.26 -6.06
N PRO A 391 16.99 -2.51 -5.60
CA PRO A 391 17.37 -3.81 -5.10
C PRO A 391 16.64 -4.19 -3.81
N ILE A 392 16.14 -5.42 -3.78
CA ILE A 392 15.55 -5.97 -2.57
C ILE A 392 16.66 -6.64 -1.80
N MET A 393 16.96 -6.10 -0.62
CA MET A 393 18.17 -6.49 0.10
C MET A 393 17.92 -7.53 1.18
N VAL A 394 16.83 -8.30 1.03
CA VAL A 394 16.56 -9.43 1.90
C VAL A 394 16.49 -10.71 1.06
N THR A 395 16.82 -11.83 1.68
CA THR A 395 16.75 -13.11 1.00
C THR A 395 15.29 -13.52 0.85
N ARG A 396 14.96 -14.10 -0.29
CA ARG A 396 13.59 -14.49 -0.54
C ARG A 396 13.53 -15.91 -1.06
N LYS A 397 12.90 -16.79 -0.30
CA LYS A 397 12.74 -18.19 -0.71
C LYS A 397 11.30 -18.40 -1.13
N LEU A 398 11.07 -18.50 -2.44
CA LEU A 398 9.72 -18.57 -3.00
C LEU A 398 8.98 -19.87 -2.67
N GLY A 399 9.73 -20.93 -2.42
CA GLY A 399 9.16 -22.21 -2.03
C GLY A 399 10.01 -23.40 -2.43
N GLU A 400 9.59 -24.59 -2.05
CA GLU A 400 10.28 -25.83 -2.44
C GLU A 400 10.41 -25.91 -3.95
N GLY A 401 11.63 -26.14 -4.42
CA GLY A 401 11.91 -26.22 -5.85
C GLY A 401 12.57 -24.98 -6.42
N PHE A 402 12.48 -23.86 -5.71
CA PHE A 402 13.07 -22.62 -6.18
C PHE A 402 14.29 -22.28 -5.34
N ARG A 403 15.40 -21.96 -6.01
CA ARG A 403 16.58 -21.52 -5.30
C ARG A 403 16.26 -20.20 -4.58
N ALA A 404 16.78 -20.05 -3.36
CA ALA A 404 16.65 -18.79 -2.63
C ALA A 404 17.25 -17.63 -3.44
N LEU A 405 16.62 -16.47 -3.35
CA LEU A 405 17.13 -15.26 -3.97
C LEU A 405 17.99 -14.52 -2.97
N GLU A 406 19.27 -14.33 -3.30
CA GLU A 406 20.20 -13.62 -2.41
C GLU A 406 19.89 -12.12 -2.44
N PRO A 407 20.22 -11.40 -1.35
CA PRO A 407 19.90 -9.96 -1.32
C PRO A 407 20.49 -9.24 -2.53
N GLY A 408 19.77 -8.25 -3.03
CA GLY A 408 20.17 -7.53 -4.25
C GLY A 408 19.34 -7.83 -5.49
N TRP A 409 18.34 -8.71 -5.35
CA TRP A 409 17.51 -9.09 -6.50
C TRP A 409 16.52 -8.01 -6.88
N TYR A 410 16.14 -7.98 -8.16
CA TYR A 410 15.13 -7.02 -8.65
C TYR A 410 13.79 -7.68 -8.90
N SER A 411 12.73 -6.88 -8.88
CA SER A 411 11.40 -7.38 -9.16
C SER A 411 10.76 -6.58 -10.28
N ALA A 412 10.19 -7.27 -11.28
CA ALA A 412 9.50 -6.60 -12.38
C ALA A 412 8.34 -5.78 -11.85
N MET A 413 7.73 -6.27 -10.78
CA MET A 413 6.61 -5.57 -10.17
C MET A 413 7.08 -4.27 -9.53
N ALA A 414 8.19 -4.34 -8.81
CA ALA A 414 8.79 -3.15 -8.17
C ALA A 414 9.13 -2.10 -9.23
N GLN A 415 9.86 -2.54 -10.27
CA GLN A 415 10.23 -1.67 -11.39
C GLN A 415 9.02 -0.99 -12.01
N GLY A 416 8.00 -1.78 -12.35
CA GLY A 416 6.79 -1.26 -12.99
C GLY A 416 5.96 -0.33 -12.13
N GLN A 417 5.80 -0.67 -10.87
CA GLN A 417 4.97 0.13 -9.98
C GLN A 417 5.65 1.48 -9.75
N ALA A 418 6.97 1.45 -9.69
CA ALA A 418 7.80 2.64 -9.56
C ALA A 418 7.67 3.53 -10.79
N MET A 419 7.70 2.92 -11.99
CA MET A 419 7.45 3.67 -13.24
C MET A 419 6.08 4.35 -13.21
N SER A 420 5.08 3.62 -12.75
CA SER A 420 3.74 4.17 -12.72
C SER A 420 3.67 5.37 -11.76
N THR A 421 4.44 5.30 -10.68
CA THR A 421 4.46 6.39 -9.70
C THR A 421 5.23 7.58 -10.25
N LEU A 422 6.41 7.31 -10.80
CA LEU A 422 7.28 8.36 -11.33
C LEU A 422 6.70 9.06 -12.55
N VAL A 423 6.02 8.31 -13.41
CA VAL A 423 5.32 8.90 -14.53
C VAL A 423 4.25 9.90 -14.06
N ARG A 424 3.48 9.52 -13.04
CA ARG A 424 2.47 10.41 -12.48
C ARG A 424 3.12 11.69 -11.90
N ALA A 425 4.24 11.53 -11.22
CA ALA A 425 4.99 12.62 -10.61
C ALA A 425 5.51 13.55 -11.70
N TYR A 426 6.13 12.96 -12.72
CA TYR A 426 6.55 13.71 -13.89
C TYR A 426 5.41 14.49 -14.52
N LEU A 427 4.30 13.82 -14.82
CA LEU A 427 3.17 14.48 -15.44
C LEU A 427 2.61 15.62 -14.60
N MET A 428 2.71 15.50 -13.26
CA MET A 428 2.24 16.54 -12.35
C MET A 428 3.15 17.78 -12.33
N THR A 429 4.46 17.57 -12.42
CA THR A 429 5.43 18.62 -12.10
C THR A 429 6.29 19.08 -13.29
N LYS A 430 6.35 18.24 -14.33
CA LYS A 430 7.32 18.39 -15.43
C LYS A 430 8.76 18.41 -14.94
N ASP A 431 8.99 17.85 -13.76
CA ASP A 431 10.34 17.73 -13.24
C ASP A 431 10.98 16.49 -13.85
N ASP A 432 11.98 16.72 -14.70
CA ASP A 432 12.59 15.67 -15.51
C ASP A 432 13.34 14.61 -14.72
N ARG A 433 13.69 14.91 -13.48
CA ARG A 433 14.30 13.90 -12.62
C ARG A 433 13.36 12.70 -12.43
N TYR A 434 12.05 12.94 -12.50
CA TYR A 434 11.07 11.86 -12.39
C TYR A 434 11.06 11.02 -13.66
N LEU A 435 11.04 11.67 -14.83
CA LEU A 435 11.07 10.96 -16.10
C LEU A 435 12.35 10.15 -16.30
N LYS A 436 13.49 10.76 -15.96
CA LYS A 436 14.79 10.09 -16.07
C LYS A 436 14.87 8.84 -15.22
N ALA A 437 14.44 8.94 -13.96
CA ALA A 437 14.33 7.76 -13.10
C ALA A 437 13.48 6.66 -13.76
N ALA A 438 12.29 7.02 -14.24
CA ALA A 438 11.40 6.07 -14.90
C ALA A 438 12.05 5.40 -16.12
N LEU A 439 12.65 6.20 -17.00
CA LEU A 439 13.33 5.65 -18.17
C LEU A 439 14.46 4.69 -17.79
N ARG A 440 15.19 4.98 -16.72
CA ARG A 440 16.30 4.11 -16.33
C ARG A 440 15.82 2.77 -15.76
N ALA A 441 14.57 2.76 -15.31
CA ALA A 441 13.98 1.63 -14.59
C ALA A 441 13.75 0.43 -15.51
N THR A 442 13.94 0.69 -16.80
CA THR A 442 13.72 -0.30 -17.83
C THR A 442 14.91 -1.27 -17.86
N GLY A 443 15.99 -0.89 -17.18
CA GLY A 443 17.25 -1.63 -17.19
C GLY A 443 17.16 -3.13 -16.91
N PRO A 444 16.61 -3.50 -15.74
CA PRO A 444 16.52 -4.92 -15.42
C PRO A 444 15.67 -5.76 -16.39
N PHE A 445 14.74 -5.14 -17.13
CA PHE A 445 13.90 -5.87 -18.08
C PHE A 445 14.68 -6.44 -19.26
N LYS A 446 15.93 -6.00 -19.41
CA LYS A 446 16.72 -6.35 -20.58
C LYS A 446 17.71 -7.48 -20.28
N LEU A 447 17.71 -7.94 -19.04
CA LEU A 447 18.66 -8.96 -18.60
C LEU A 447 17.95 -10.19 -18.03
N PRO A 448 18.50 -11.38 -18.28
CA PRO A 448 17.97 -12.61 -17.68
C PRO A 448 18.10 -12.63 -16.17
N SER A 449 17.26 -13.44 -15.51
CA SER A 449 17.20 -13.53 -14.06
C SER A 449 18.54 -13.86 -13.39
N GLU A 450 19.36 -14.68 -14.03
CA GLU A 450 20.64 -15.08 -13.44
C GLU A 450 21.73 -14.04 -13.67
N GLN A 451 21.40 -13.01 -14.45
CA GLN A 451 22.33 -11.91 -14.71
C GLN A 451 21.86 -10.57 -14.13
N HIS A 452 21.42 -10.59 -12.88
CA HIS A 452 20.92 -9.41 -12.18
C HIS A 452 19.80 -8.72 -12.95
N GLY A 453 18.96 -9.54 -13.59
CA GLY A 453 17.83 -9.03 -14.35
C GLY A 453 16.49 -9.57 -13.88
N VAL A 454 15.51 -9.49 -14.74
CA VAL A 454 14.14 -9.79 -14.38
C VAL A 454 13.44 -10.61 -15.49
N LYS A 455 14.18 -10.86 -16.59
CA LYS A 455 13.61 -11.49 -17.77
C LYS A 455 13.71 -13.00 -17.70
N ALA A 456 12.55 -13.65 -17.88
CA ALA A 456 12.48 -15.10 -18.03
C ALA A 456 11.92 -15.38 -19.42
N VAL A 457 12.08 -16.60 -19.90
CA VAL A 457 11.53 -17.01 -21.19
C VAL A 457 10.74 -18.28 -20.98
N PHE A 458 9.47 -18.25 -21.36
CA PHE A 458 8.62 -19.43 -21.24
C PHE A 458 8.84 -20.36 -22.43
N MET A 459 9.36 -21.56 -22.16
CA MET A 459 9.59 -22.59 -23.18
C MET A 459 10.25 -22.10 -24.47
N ASN A 460 11.29 -21.26 -24.32
CA ASN A 460 12.10 -20.78 -25.43
C ASN A 460 11.42 -19.86 -26.43
N LYS A 461 10.22 -19.39 -26.11
CA LYS A 461 9.49 -18.61 -27.10
C LYS A 461 8.93 -17.29 -26.57
N TYR A 462 8.68 -17.21 -25.27
CA TYR A 462 7.93 -16.06 -24.74
C TYR A 462 8.63 -15.33 -23.60
N ASP A 463 8.97 -14.07 -23.86
CA ASP A 463 9.57 -13.20 -22.85
C ASP A 463 8.58 -12.94 -21.71
N TRP A 464 9.08 -13.01 -20.49
CA TRP A 464 8.29 -12.76 -19.28
C TRP A 464 9.10 -11.89 -18.34
N TYR A 465 8.43 -10.95 -17.67
CA TYR A 465 9.08 -10.11 -16.67
C TYR A 465 8.65 -10.56 -15.28
N GLU A 466 9.62 -11.09 -14.55
CA GLU A 466 9.38 -11.81 -13.30
C GLU A 466 9.20 -10.92 -12.06
N GLU A 467 8.14 -11.19 -11.30
CA GLU A 467 7.96 -10.58 -9.99
C GLU A 467 9.04 -11.14 -9.08
N TYR A 468 9.31 -12.43 -9.23
CA TYR A 468 10.40 -13.08 -8.52
C TYR A 468 11.29 -13.78 -9.53
N PRO A 469 12.50 -13.22 -9.75
CA PRO A 469 13.40 -13.71 -10.81
C PRO A 469 14.11 -15.01 -10.42
N THR A 470 13.33 -16.06 -10.21
CA THR A 470 13.85 -17.28 -9.57
C THR A 470 14.56 -18.24 -10.53
N ILE A 471 15.28 -19.18 -9.95
CA ILE A 471 15.82 -20.29 -10.72
C ILE A 471 15.29 -21.58 -10.11
N PRO A 472 14.45 -22.31 -10.85
CA PRO A 472 13.93 -22.04 -12.20
C PRO A 472 12.90 -20.90 -12.14
N SER A 473 12.47 -20.44 -13.31
CA SER A 473 11.53 -19.32 -13.40
C SER A 473 10.15 -19.64 -12.79
N SER A 474 9.44 -18.61 -12.32
CA SER A 474 8.22 -18.83 -11.55
C SER A 474 6.94 -18.33 -12.22
N PHE A 475 7.05 -17.31 -13.05
CA PHE A 475 5.91 -16.83 -13.85
C PHE A 475 4.67 -16.39 -13.06
N VAL A 476 4.87 -15.60 -12.01
CA VAL A 476 3.74 -15.03 -11.26
C VAL A 476 2.98 -14.04 -12.12
N LEU A 477 1.67 -14.27 -12.27
CA LEU A 477 0.83 -13.47 -13.15
C LEU A 477 0.64 -12.01 -12.74
N ASN A 478 0.25 -11.76 -11.49
CA ASN A 478 -0.19 -10.42 -11.14
C ASN A 478 0.98 -9.42 -11.25
N GLY A 479 2.16 -9.86 -10.81
CA GLY A 479 3.34 -9.02 -10.81
C GLY A 479 3.79 -8.69 -12.22
N PHE A 480 3.61 -9.65 -13.14
CA PHE A 480 3.95 -9.44 -14.54
C PHE A 480 3.10 -8.34 -15.16
N ILE A 481 1.79 -8.42 -14.95
CA ILE A 481 0.86 -7.44 -15.51
C ILE A 481 1.10 -6.04 -14.93
N TYR A 482 1.46 -5.98 -13.65
CA TYR A 482 1.82 -4.71 -13.04
C TYR A 482 3.07 -4.14 -13.74
N SER A 483 4.02 -5.01 -14.06
CA SER A 483 5.20 -4.56 -14.80
C SER A 483 4.81 -3.98 -16.15
N LEU A 484 3.81 -4.59 -16.80
CA LEU A 484 3.36 -4.12 -18.11
C LEU A 484 2.63 -2.78 -18.04
N ILE A 485 1.85 -2.57 -16.98
CA ILE A 485 1.14 -1.31 -16.85
C ILE A 485 2.17 -0.19 -16.62
N GLY A 486 3.24 -0.52 -15.90
CA GLY A 486 4.33 0.42 -15.69
C GLY A 486 5.00 0.81 -16.99
N LEU A 487 5.29 -0.19 -17.83
CA LEU A 487 5.90 0.02 -19.14
C LEU A 487 5.00 0.85 -20.05
N PHE A 488 3.70 0.60 -19.98
CA PHE A 488 2.72 1.37 -20.75
C PHE A 488 2.68 2.84 -20.34
N ASP A 489 2.65 3.08 -19.02
CA ASP A 489 2.68 4.45 -18.48
C ASP A 489 3.89 5.18 -19.03
N LEU A 490 5.04 4.52 -18.94
CA LEU A 490 6.30 5.10 -19.37
C LEU A 490 6.35 5.35 -20.87
N ALA A 491 5.94 4.35 -21.66
CA ALA A 491 5.99 4.45 -23.11
C ALA A 491 5.09 5.56 -23.60
N GLN A 492 3.88 5.64 -23.06
CA GLN A 492 2.94 6.67 -23.46
C GLN A 492 3.40 8.05 -23.04
N THR A 493 4.18 8.14 -21.97
CA THR A 493 4.54 9.43 -21.42
C THR A 493 5.84 9.97 -22.00
N ALA A 494 6.81 9.09 -22.20
CA ALA A 494 8.11 9.49 -22.72
C ALA A 494 8.06 9.90 -24.20
N GLY A 495 7.00 9.48 -24.90
CA GLY A 495 6.82 9.79 -26.31
C GLY A 495 7.57 8.84 -27.23
N GLU A 496 7.47 9.10 -28.53
CA GLU A 496 7.95 8.17 -29.55
C GLU A 496 9.44 7.85 -29.51
N LYS A 497 10.28 8.85 -29.25
CA LYS A 497 11.72 8.59 -29.24
C LYS A 497 12.21 8.00 -27.92
N LEU A 498 11.98 8.72 -26.83
CA LEU A 498 12.48 8.29 -25.52
C LEU A 498 11.79 7.03 -25.03
N GLY A 499 10.51 6.89 -25.37
CA GLY A 499 9.71 5.77 -24.85
C GLY A 499 9.66 4.54 -25.74
N ARG A 500 10.59 4.44 -26.68
CA ARG A 500 10.56 3.34 -27.63
C ARG A 500 11.01 2.03 -26.98
N ASP A 501 12.00 2.10 -26.10
CA ASP A 501 12.44 0.91 -25.38
C ASP A 501 11.35 0.32 -24.50
N ALA A 502 10.70 1.17 -23.72
CA ALA A 502 9.57 0.75 -22.89
C ALA A 502 8.43 0.20 -23.76
N GLY A 503 8.10 0.92 -24.82
CA GLY A 503 7.04 0.50 -25.74
C GLY A 503 7.32 -0.83 -26.41
N GLN A 504 8.59 -1.13 -26.59
CA GLN A 504 9.02 -2.37 -27.22
C GLN A 504 8.91 -3.51 -26.21
N LEU A 505 9.36 -3.27 -24.98
CA LEU A 505 9.23 -4.25 -23.89
C LEU A 505 7.77 -4.55 -23.58
N TYR A 506 6.94 -3.52 -23.66
CA TYR A 506 5.52 -3.65 -23.39
C TYR A 506 4.82 -4.51 -24.43
N SER A 507 4.97 -4.17 -25.70
CA SER A 507 4.32 -4.90 -26.80
C SER A 507 4.68 -6.39 -26.78
N LYS A 508 5.95 -6.67 -26.52
CA LYS A 508 6.48 -8.02 -26.43
C LYS A 508 5.88 -8.78 -25.24
N GLY A 509 5.89 -8.16 -24.08
CA GLY A 509 5.23 -8.72 -22.90
C GLY A 509 3.75 -8.99 -23.14
N MET A 510 3.07 -8.06 -23.81
CA MET A 510 1.66 -8.23 -24.10
C MET A 510 1.37 -9.43 -25.01
N GLU A 511 2.27 -9.68 -25.95
CA GLU A 511 2.20 -10.87 -26.81
C GLU A 511 2.22 -12.13 -25.97
N SER A 512 3.21 -12.23 -25.08
CA SER A 512 3.34 -13.38 -24.19
C SER A 512 2.14 -13.53 -23.27
N LEU A 513 1.65 -12.41 -22.75
CA LEU A 513 0.50 -12.46 -21.87
C LEU A 513 -0.74 -13.07 -22.56
N LYS A 514 -1.05 -12.60 -23.77
CA LYS A 514 -2.21 -13.06 -24.51
C LYS A 514 -2.16 -14.55 -24.81
N VAL A 515 -0.95 -15.04 -25.06
CA VAL A 515 -0.73 -16.45 -25.37
C VAL A 515 -0.83 -17.31 -24.11
N MET A 516 -0.18 -16.87 -23.03
CA MET A 516 -0.06 -17.68 -21.82
C MET A 516 -1.23 -17.60 -20.84
N LEU A 517 -2.11 -16.63 -21.02
CA LEU A 517 -3.22 -16.40 -20.09
C LEU A 517 -4.09 -17.64 -19.77
N PRO A 518 -4.45 -18.45 -20.79
CA PRO A 518 -5.23 -19.66 -20.51
C PRO A 518 -4.56 -20.61 -19.52
N LEU A 519 -3.23 -20.58 -19.40
CA LEU A 519 -2.56 -21.47 -18.47
C LEU A 519 -2.87 -21.19 -17.00
N TYR A 520 -3.52 -20.06 -16.71
CA TYR A 520 -3.77 -19.63 -15.33
C TYR A 520 -5.23 -19.83 -14.95
N ASP A 521 -6.02 -20.38 -15.89
CA ASP A 521 -7.45 -20.53 -15.71
C ASP A 521 -7.77 -22.00 -15.37
N THR A 522 -8.35 -22.23 -14.18
CA THR A 522 -8.64 -23.58 -13.71
C THR A 522 -10.01 -24.06 -14.16
N GLY A 523 -10.79 -23.15 -14.71
CA GLY A 523 -12.18 -23.41 -15.04
C GLY A 523 -13.14 -23.00 -13.94
N SER A 524 -12.60 -22.59 -12.80
CA SER A 524 -13.43 -22.15 -11.68
C SER A 524 -12.77 -21.03 -10.85
N GLY A 525 -11.50 -20.74 -11.16
CA GLY A 525 -10.73 -19.68 -10.51
C GLY A 525 -9.45 -19.50 -11.30
N THR A 526 -8.45 -18.89 -10.69
CA THR A 526 -7.16 -18.76 -11.35
C THR A 526 -6.01 -19.28 -10.51
N ILE A 527 -4.88 -19.46 -11.19
CA ILE A 527 -3.66 -19.95 -10.59
C ILE A 527 -2.71 -18.75 -10.43
N TYR A 528 -1.94 -18.75 -9.36
CA TYR A 528 -1.09 -17.59 -9.01
C TYR A 528 0.18 -17.50 -9.86
N ASP A 529 0.76 -18.66 -10.18
CA ASP A 529 2.02 -18.76 -10.93
C ASP A 529 2.01 -20.07 -11.73
N LEU A 530 3.11 -20.43 -12.39
CA LEU A 530 3.14 -21.66 -13.19
C LEU A 530 4.02 -22.72 -12.55
N ARG A 531 4.16 -22.61 -11.23
CA ARG A 531 4.88 -23.56 -10.36
C ARG A 531 4.58 -25.04 -10.64
N HIS A 532 3.31 -25.34 -10.91
CA HIS A 532 2.89 -26.72 -11.16
C HIS A 532 3.57 -27.31 -12.39
N PHE A 533 3.68 -26.51 -13.43
CA PHE A 533 4.29 -26.96 -14.67
C PHE A 533 5.82 -26.92 -14.63
N ILE A 534 6.39 -25.88 -14.01
CA ILE A 534 7.84 -25.75 -13.93
C ILE A 534 8.45 -26.77 -12.98
N LEU A 535 7.77 -27.02 -11.87
CA LEU A 535 8.29 -27.94 -10.86
C LEU A 535 7.69 -29.35 -10.91
N GLY A 536 6.57 -29.50 -11.62
CA GLY A 536 5.88 -30.79 -11.67
C GLY A 536 5.26 -31.10 -10.31
N THR A 537 4.34 -30.23 -9.89
CA THR A 537 3.73 -30.33 -8.59
C THR A 537 2.29 -29.81 -8.67
N ALA A 538 1.62 -29.69 -7.52
CA ALA A 538 0.23 -29.19 -7.45
C ALA A 538 0.12 -27.73 -7.88
N PRO A 539 -1.03 -27.33 -8.47
CA PRO A 539 -1.18 -25.92 -8.82
C PRO A 539 -1.19 -25.04 -7.58
N ASN A 540 -0.51 -23.89 -7.64
CA ASN A 540 -0.59 -22.89 -6.57
C ASN A 540 -1.77 -21.96 -6.85
N LEU A 541 -2.93 -22.36 -6.36
CA LEU A 541 -4.19 -21.68 -6.67
C LEU A 541 -4.22 -20.28 -6.06
N ALA A 542 -4.76 -19.32 -6.82
CA ALA A 542 -4.84 -17.94 -6.35
C ALA A 542 -6.01 -17.73 -5.40
N ARG A 543 -5.76 -17.21 -4.20
CA ARG A 543 -6.86 -16.90 -3.30
C ARG A 543 -7.77 -15.86 -3.93
N TRP A 544 -9.00 -15.75 -3.45
CA TRP A 544 -9.98 -14.90 -4.11
C TRP A 544 -9.52 -13.46 -4.33
N ASP A 545 -8.78 -12.88 -3.38
CA ASP A 545 -8.40 -11.49 -3.57
C ASP A 545 -7.36 -11.30 -4.67
N TYR A 546 -6.53 -12.33 -4.92
CA TYR A 546 -5.67 -12.32 -6.11
C TYR A 546 -6.46 -12.58 -7.38
N HIS A 547 -7.51 -13.39 -7.29
CA HIS A 547 -8.40 -13.58 -8.44
C HIS A 547 -9.07 -12.27 -8.91
N THR A 548 -9.61 -11.48 -7.97
CA THR A 548 -10.19 -10.19 -8.35
C THR A 548 -9.11 -9.21 -8.82
N THR A 549 -7.90 -9.30 -8.25
CA THR A 549 -6.76 -8.53 -8.76
C THR A 549 -6.48 -8.88 -10.22
N HIS A 550 -6.39 -10.18 -10.52
CA HIS A 550 -6.28 -10.62 -11.92
C HIS A 550 -7.36 -10.02 -12.80
N ILE A 551 -8.60 -10.06 -12.34
CA ILE A 551 -9.70 -9.50 -13.12
C ILE A 551 -9.54 -7.97 -13.31
N ASN A 552 -9.18 -7.30 -12.21
CA ASN A 552 -8.98 -5.84 -12.26
C ASN A 552 -7.94 -5.47 -13.29
N GLN A 553 -6.87 -6.26 -13.33
CA GLN A 553 -5.76 -6.03 -14.23
C GLN A 553 -6.13 -6.23 -15.71
N LEU A 554 -6.87 -7.30 -15.99
CA LEU A 554 -7.31 -7.59 -17.36
C LEU A 554 -8.35 -6.60 -17.86
N GLN A 555 -9.27 -6.18 -17.01
CA GLN A 555 -10.24 -5.20 -17.47
C GLN A 555 -9.57 -3.85 -17.72
N LEU A 556 -8.53 -3.54 -16.95
CA LEU A 556 -7.72 -2.34 -17.22
C LEU A 556 -7.09 -2.46 -18.62
N LEU A 557 -6.36 -3.54 -18.85
CA LEU A 557 -5.71 -3.80 -20.15
C LEU A 557 -6.72 -3.80 -21.29
N GLY A 558 -7.90 -4.32 -21.03
CA GLY A 558 -8.99 -4.32 -22.00
C GLY A 558 -9.40 -2.94 -22.48
N THR A 559 -9.11 -1.89 -21.71
CA THR A 559 -9.45 -0.53 -22.17
C THR A 559 -8.35 0.09 -23.05
N ILE A 560 -7.15 -0.48 -23.04
CA ILE A 560 -6.06 0.08 -23.84
C ILE A 560 -5.57 -0.88 -24.93
N ASP A 561 -6.21 -2.04 -25.04
CA ASP A 561 -5.88 -3.04 -26.05
C ASP A 561 -7.18 -3.78 -26.37
N ASN A 562 -7.61 -3.75 -27.63
CA ASN A 562 -8.96 -4.20 -27.97
C ASN A 562 -9.11 -5.70 -28.23
N SER A 563 -8.08 -6.48 -27.92
CA SER A 563 -8.10 -7.93 -28.14
C SER A 563 -9.20 -8.63 -27.39
N PRO A 564 -9.95 -9.50 -28.09
CA PRO A 564 -11.10 -10.18 -27.51
C PRO A 564 -10.76 -10.94 -26.24
N ILE A 565 -9.53 -11.42 -26.13
CA ILE A 565 -9.15 -12.26 -25.01
C ILE A 565 -9.35 -11.59 -23.65
N PHE A 566 -9.14 -10.28 -23.59
CA PHE A 566 -9.28 -9.54 -22.34
C PHE A 566 -10.74 -9.45 -21.92
N ARG A 567 -11.62 -9.02 -22.83
CA ARG A 567 -13.04 -8.97 -22.50
C ARG A 567 -13.65 -10.35 -22.24
N ASP A 568 -13.22 -11.34 -23.03
CA ASP A 568 -13.68 -12.73 -22.85
C ASP A 568 -13.21 -13.37 -21.55
N SER A 569 -11.92 -13.22 -21.22
CA SER A 569 -11.42 -13.73 -19.94
C SER A 569 -12.10 -13.07 -18.73
N VAL A 570 -12.22 -11.75 -18.77
CA VAL A 570 -12.89 -11.02 -17.70
C VAL A 570 -14.30 -11.56 -17.45
N LYS A 571 -15.09 -11.70 -18.52
CA LYS A 571 -16.46 -12.19 -18.38
C LYS A 571 -16.54 -13.54 -17.67
N ARG A 572 -15.69 -14.48 -18.11
CA ARG A 572 -15.68 -15.81 -17.52
C ARG A 572 -15.10 -15.80 -16.11
N TRP A 573 -14.00 -15.09 -15.91
CA TRP A 573 -13.39 -15.03 -14.58
C TRP A 573 -14.32 -14.37 -13.55
N LYS A 574 -15.10 -13.39 -13.98
CA LYS A 574 -16.13 -12.80 -13.12
C LYS A 574 -17.21 -13.80 -12.68
N SER A 575 -17.60 -14.70 -13.58
CA SER A 575 -18.64 -15.67 -13.24
C SER A 575 -18.16 -16.61 -12.15
N TYR A 576 -16.86 -16.82 -12.06
CA TYR A 576 -16.32 -17.73 -11.04
C TYR A 576 -16.60 -17.23 -9.62
N LEU A 577 -16.72 -15.91 -9.47
CA LEU A 577 -17.02 -15.29 -8.17
C LEU A 577 -18.40 -15.66 -7.63
N LYS A 578 -19.29 -16.05 -8.53
CA LYS A 578 -20.63 -16.45 -8.14
C LYS A 578 -20.88 -17.94 -8.38
N GLY A 579 -19.81 -18.74 -8.35
CA GLY A 579 -19.94 -20.19 -8.47
C GLY A 579 -20.09 -20.70 -9.89
N GLY A 580 -19.85 -19.82 -10.87
CA GLY A 580 -19.84 -20.23 -12.28
C GLY A 580 -18.62 -21.08 -12.57
N ARG A 581 -18.71 -21.91 -13.60
CA ARG A 581 -17.64 -22.84 -13.95
C ARG A 581 -17.59 -22.96 -15.46
N ALA A 582 -16.40 -23.23 -16.01
CA ALA A 582 -16.29 -23.61 -17.41
C ALA A 582 -17.06 -24.92 -17.61
N LYS A 583 -17.64 -25.14 -18.79
CA LYS A 583 -18.38 -26.39 -19.06
C LYS A 583 -17.46 -27.60 -19.04
N HIS A 584 -17.94 -28.70 -18.47
CA HIS A 584 -17.24 -29.98 -18.59
C HIS A 584 -17.85 -30.75 -19.77
N ASN A 585 -17.18 -31.82 -20.21
CA ASN A 585 -17.65 -32.56 -21.38
C ASN A 585 -18.52 -33.77 -21.04
#